data_3CC8
#
_entry.id   3CC8
#
_cell.length_a   91.223
_cell.length_b   54.399
_cell.length_c   52.751
_cell.angle_alpha   90.000
_cell.angle_beta   109.500
_cell.angle_gamma   90.000
#
_symmetry.space_group_name_H-M   'C 1 2 1'
#
loop_
_entity.id
_entity.type
_entity.pdbx_description
1 polymer 'Putative methyltransferase'
2 non-polymer 'NICKEL (II) ION'
3 water water
#
_entity_poly.entity_id   1
_entity_poly.type   'polypeptide(L)'
_entity_poly.pdbx_seq_one_letter_code
;G(MSE)NSPKNSLYEEKSGHYYNAVNPNLLKHIKKEWKEVLDIGCSSGALGAAIKENGTRVSGIEAFPEAAEQAKEKLDH
VVLGDIET(MSE)D(MSE)PYEEEQFDCVIFGDVLEHLFDPWAVIEKVKPYIKQNGVILASIPNVSHISVLAPLLAGNWT
YTEYGLLDKTHIRFFTFNE(MSE)LR(MSE)FLKAGYSISKVDRVYVDHK(MSE)YEPLIEELYGICKKYRLGSGF
(MSE)AETVVFQYIIEAEKSQL
;
_entity_poly.pdbx_strand_id   A
#
loop_
_chem_comp.id
_chem_comp.type
_chem_comp.name
_chem_comp.formula
NI non-polymer 'NICKEL (II) ION' 'Ni 2'
#
# COMPACT_ATOMS: atom_id res chain seq x y z
N ALA A 20 -12.11 -8.22 2.92
CA ALA A 20 -12.24 -8.43 1.43
C ALA A 20 -10.87 -8.35 0.71
N VAL A 21 -10.56 -9.34 -0.12
CA VAL A 21 -9.27 -9.35 -0.82
C VAL A 21 -9.19 -8.16 -1.81
N ASN A 22 -7.99 -7.59 -1.94
CA ASN A 22 -7.63 -6.72 -3.06
C ASN A 22 -7.11 -7.67 -4.14
N PRO A 23 -7.85 -7.80 -5.27
CA PRO A 23 -7.45 -8.76 -6.29
C PRO A 23 -6.19 -8.30 -6.98
N ASN A 24 -5.93 -7.01 -6.90
CA ASN A 24 -4.67 -6.47 -7.40
C ASN A 24 -3.43 -6.93 -6.70
N LEU A 25 -3.55 -7.35 -5.43
CA LEU A 25 -2.40 -7.88 -4.71
C LEU A 25 -2.06 -9.34 -4.98
N LEU A 26 -3.08 -10.17 -5.11
CA LEU A 26 -2.85 -11.61 -5.15
C LEU A 26 -1.97 -12.02 -6.33
N LYS A 27 -2.09 -11.31 -7.45
CA LYS A 27 -1.25 -11.59 -8.61
C LYS A 27 0.24 -11.35 -8.42
N HIS A 28 0.60 -10.61 -7.37
CA HIS A 28 2.02 -10.39 -7.01
C HIS A 28 2.59 -11.37 -5.98
N ILE A 29 1.76 -12.26 -5.47
CA ILE A 29 2.21 -13.28 -4.52
C ILE A 29 2.95 -14.38 -5.25
N LYS A 30 4.19 -14.68 -4.85
CA LYS A 30 4.93 -15.75 -5.43
C LYS A 30 4.57 -17.06 -4.71
N LYS A 31 4.20 -18.07 -5.51
CA LYS A 31 3.85 -19.38 -4.99
C LYS A 31 4.97 -20.06 -4.21
N GLU A 32 6.21 -19.71 -4.54
CA GLU A 32 7.37 -20.33 -3.93
C GLU A 32 7.74 -19.74 -2.57
N TRP A 33 7.12 -18.64 -2.20
CA TRP A 33 7.42 -18.07 -0.89
C TRP A 33 7.08 -19.02 0.26
N LYS A 34 7.95 -19.03 1.26
CA LYS A 34 7.78 -19.88 2.39
C LYS A 34 7.09 -19.22 3.56
N GLU A 35 7.34 -17.91 3.74
CA GLU A 35 6.76 -17.19 4.90
C GLU A 35 6.37 -15.79 4.49
N VAL A 36 5.12 -15.45 4.81
CA VAL A 36 4.59 -14.11 4.52
C VAL A 36 3.94 -13.53 5.77
N LEU A 37 4.09 -12.22 5.97
CA LEU A 37 3.47 -11.49 7.06
C LEU A 37 2.45 -10.53 6.41
N ASP A 38 1.18 -10.65 6.77
CA ASP A 38 0.11 -9.78 6.27
C ASP A 38 -0.25 -8.78 7.36
N ILE A 39 0.08 -7.50 7.12
CA ILE A 39 -0.12 -6.43 8.11
C ILE A 39 -1.52 -5.81 7.82
N GLY A 40 -2.42 -5.91 8.76
CA GLY A 40 -3.83 -5.61 8.51
C GLY A 40 -4.49 -6.77 7.82
N CYS A 41 -4.45 -7.94 8.44
CA CYS A 41 -4.89 -9.18 7.77
C CYS A 41 -6.40 -9.33 7.82
N SER A 42 -7.07 -8.42 8.51
CA SER A 42 -8.51 -8.50 8.68
C SER A 42 -8.91 -9.91 9.15
N SER A 43 -9.97 -10.45 8.56
CA SER A 43 -10.46 -11.79 8.86
C SER A 43 -9.65 -12.96 8.23
N GLY A 44 -8.57 -12.62 7.51
CA GLY A 44 -7.60 -13.60 7.06
C GLY A 44 -7.82 -14.15 5.66
N ALA A 45 -8.70 -13.55 4.88
CA ALA A 45 -9.00 -14.09 3.55
C ALA A 45 -7.82 -14.06 2.57
N LEU A 46 -7.08 -12.96 2.52
CA LEU A 46 -5.88 -12.91 1.67
C LEU A 46 -4.85 -13.96 2.11
N GLY A 47 -4.57 -14.03 3.40
CA GLY A 47 -3.64 -15.03 3.94
C GLY A 47 -4.06 -16.44 3.65
N ALA A 48 -5.36 -16.72 3.77
CA ALA A 48 -5.91 -18.06 3.49
C ALA A 48 -5.63 -18.49 2.06
N ALA A 49 -5.82 -17.53 1.12
CA ALA A 49 -5.47 -17.75 -0.29
C ALA A 49 -3.99 -18.05 -0.51
N ILE A 50 -3.13 -17.25 0.11
CA ILE A 50 -1.68 -17.45 0.03
C ILE A 50 -1.28 -18.82 0.57
N LYS A 51 -1.92 -19.21 1.66
CA LYS A 51 -1.62 -20.53 2.28
C LYS A 51 -1.87 -21.74 1.34
N GLU A 52 -2.73 -21.57 0.33
CA GLU A 52 -2.98 -22.65 -0.62
C GLU A 52 -1.73 -23.10 -1.39
N ASN A 53 -0.68 -22.27 -1.38
CA ASN A 53 0.58 -22.58 -1.99
C ASN A 53 1.52 -23.30 -1.05
N GLY A 54 1.12 -23.46 0.20
CA GLY A 54 1.98 -24.06 1.20
C GLY A 54 2.75 -23.06 2.05
N THR A 55 2.65 -21.80 1.67
CA THR A 55 3.32 -20.71 2.38
C THR A 55 2.76 -20.56 3.79
N ARG A 56 3.65 -20.36 4.77
CA ARG A 56 3.24 -20.07 6.13
C ARG A 56 2.90 -18.57 6.26
N VAL A 57 1.68 -18.27 6.73
CA VAL A 57 1.23 -16.89 6.77
C VAL A 57 0.95 -16.45 8.17
N SER A 58 1.62 -15.36 8.56
CA SER A 58 1.41 -14.64 9.83
C SER A 58 0.62 -13.39 9.55
N GLY A 59 -0.32 -13.05 10.44
CA GLY A 59 -1.05 -11.80 10.29
C GLY A 59 -1.08 -10.94 11.53
N ILE A 60 -1.28 -9.65 11.29
CA ILE A 60 -1.45 -8.69 12.39
C ILE A 60 -2.74 -7.91 12.09
N GLU A 61 -3.61 -7.79 13.10
CA GLU A 61 -4.89 -7.12 12.95
C GLU A 61 -5.24 -6.38 14.25
N ALA A 62 -5.78 -5.17 14.11
CA ALA A 62 -6.04 -4.34 15.29
C ALA A 62 -7.46 -4.51 15.88
N PHE A 63 -8.39 -5.05 15.08
N PHE A 63 -8.38 -5.05 15.07
CA PHE A 63 -9.79 -5.20 15.52
CA PHE A 63 -9.80 -5.27 15.43
C PHE A 63 -10.13 -6.64 15.92
C PHE A 63 -10.05 -6.69 15.95
N PRO A 64 -10.48 -6.83 17.22
CA PRO A 64 -10.58 -8.17 17.79
C PRO A 64 -11.45 -9.13 17.03
N GLU A 65 -12.59 -8.67 16.54
CA GLU A 65 -13.57 -9.57 15.91
C GLU A 65 -12.95 -10.18 14.66
N ALA A 66 -12.28 -9.33 13.87
CA ALA A 66 -11.50 -9.74 12.68
C ALA A 66 -10.32 -10.67 13.07
N ALA A 67 -9.53 -10.27 14.06
CA ALA A 67 -8.36 -11.04 14.50
C ALA A 67 -8.78 -12.44 14.94
N GLU A 68 -9.95 -12.58 15.58
CA GLU A 68 -10.44 -13.89 16.02
C GLU A 68 -10.82 -14.77 14.82
N GLN A 69 -11.39 -14.20 13.78
CA GLN A 69 -11.64 -14.99 12.57
C GLN A 69 -10.32 -15.43 11.90
N ALA A 70 -9.40 -14.49 11.76
CA ALA A 70 -8.08 -14.74 11.16
C ALA A 70 -7.32 -15.84 11.88
N LYS A 71 -7.49 -15.96 13.20
CA LYS A 71 -6.76 -16.94 14.02
C LYS A 71 -7.04 -18.39 13.60
N GLU A 72 -8.25 -18.65 13.13
CA GLU A 72 -8.64 -19.98 12.67
C GLU A 72 -8.21 -20.28 11.21
N LYS A 73 -7.76 -19.26 10.48
CA LYS A 73 -7.33 -19.41 9.08
C LYS A 73 -5.81 -19.36 8.89
N LEU A 74 -5.12 -18.51 9.65
CA LEU A 74 -3.69 -18.28 9.43
C LEU A 74 -2.85 -19.05 10.45
N ASP A 75 -1.54 -19.06 10.21
CA ASP A 75 -0.61 -19.78 11.05
C ASP A 75 -0.28 -19.11 12.37
N HIS A 76 -0.33 -17.79 12.40
CA HIS A 76 -0.02 -17.02 13.58
C HIS A 76 -0.73 -15.67 13.40
N VAL A 77 -1.44 -15.22 14.41
CA VAL A 77 -2.10 -13.95 14.37
C VAL A 77 -1.80 -13.18 15.65
N VAL A 78 -1.47 -11.91 15.50
CA VAL A 78 -1.38 -10.95 16.62
C VAL A 78 -2.52 -9.97 16.53
N LEU A 79 -3.25 -9.82 17.62
CA LEU A 79 -4.16 -8.71 17.78
C LEU A 79 -3.32 -7.57 18.33
N GLY A 80 -3.10 -6.54 17.53
CA GLY A 80 -2.29 -5.45 18.01
C GLY A 80 -2.11 -4.38 16.96
N ASP A 81 -1.41 -3.34 17.37
CA ASP A 81 -1.14 -2.14 16.59
C ASP A 81 0.29 -2.19 16.12
N ILE A 82 0.46 -2.33 14.81
CA ILE A 82 1.80 -2.42 14.26
C ILE A 82 2.70 -1.28 14.68
N GLU A 83 2.11 -0.10 14.89
CA GLU A 83 2.92 1.06 15.22
C GLU A 83 3.65 0.97 16.55
N THR A 84 3.05 0.24 17.50
CA THR A 84 3.60 0.22 18.85
C THR A 84 3.94 -1.17 19.36
N MSE A 85 3.48 -2.23 18.70
CA MSE A 85 3.69 -3.58 19.25
C MSE A 85 5.14 -4.10 19.24
O MSE A 85 5.96 -3.71 18.39
CB MSE A 85 2.80 -4.59 18.52
CG MSE A 85 3.21 -4.79 17.09
SE MSE A 85 1.90 -5.81 16.14
CE MSE A 85 2.80 -7.52 16.27
N ASP A 86 5.46 -4.96 20.18
CA ASP A 86 6.65 -5.79 20.07
C ASP A 86 6.46 -6.73 18.89
N MSE A 87 7.56 -7.13 18.28
CA MSE A 87 7.53 -7.94 17.05
C MSE A 87 7.98 -9.35 17.36
O MSE A 87 9.16 -9.60 17.53
CB MSE A 87 8.43 -7.32 15.99
CG MSE A 87 8.02 -5.95 15.51
SE MSE A 87 6.33 -6.00 14.53
CE MSE A 87 7.02 -6.51 12.80
N PRO A 88 7.02 -10.31 17.47
CA PRO A 88 7.32 -11.67 17.90
C PRO A 88 7.77 -12.62 16.76
N TYR A 89 8.72 -12.14 15.95
CA TYR A 89 9.19 -12.83 14.75
C TYR A 89 10.72 -12.93 14.79
N GLU A 90 11.25 -13.82 13.98
CA GLU A 90 12.69 -13.99 13.85
C GLU A 90 13.20 -12.97 12.84
N GLU A 91 14.47 -12.60 12.98
CA GLU A 91 15.12 -11.81 11.94
C GLU A 91 15.15 -12.60 10.66
N GLU A 92 14.83 -11.91 9.55
CA GLU A 92 14.93 -12.52 8.21
C GLU A 92 13.95 -13.69 8.07
N GLN A 93 12.84 -13.58 8.80
CA GLN A 93 11.80 -14.62 8.71
C GLN A 93 11.01 -14.63 7.40
N PHE A 94 10.78 -13.43 6.84
CA PHE A 94 9.73 -13.26 5.84
C PHE A 94 10.23 -13.00 4.43
N ASP A 95 9.75 -13.81 3.49
CA ASP A 95 9.88 -13.51 2.08
C ASP A 95 9.18 -12.21 1.67
N CYS A 96 8.02 -11.93 2.26
CA CYS A 96 7.22 -10.76 1.92
C CYS A 96 6.45 -10.28 3.13
N VAL A 97 6.46 -8.95 3.33
CA VAL A 97 5.60 -8.30 4.25
C VAL A 97 4.59 -7.50 3.43
N ILE A 98 3.31 -7.75 3.63
CA ILE A 98 2.22 -7.11 2.85
C ILE A 98 1.58 -5.98 3.67
N PHE A 99 1.52 -4.82 3.02
CA PHE A 99 0.77 -3.68 3.49
C PHE A 99 -0.34 -3.39 2.47
N GLY A 100 -1.41 -4.12 2.56
CA GLY A 100 -2.54 -3.96 1.64
C GLY A 100 -3.46 -2.89 2.16
N ASP A 101 -3.33 -1.68 1.64
CA ASP A 101 -4.25 -0.64 1.97
C ASP A 101 -4.18 -0.42 3.53
N VAL A 102 -2.95 -0.21 4.02
N VAL A 102 -2.98 -0.15 4.03
CA VAL A 102 -2.64 -0.02 5.44
CA VAL A 102 -2.78 0.11 5.45
C VAL A 102 -1.93 1.32 5.69
C VAL A 102 -1.88 1.33 5.73
N LEU A 103 -0.93 1.64 4.85
CA LEU A 103 0.04 2.71 5.18
C LEU A 103 -0.62 4.07 5.39
N GLU A 104 -1.66 4.32 4.64
CA GLU A 104 -2.41 5.61 4.72
C GLU A 104 -3.29 5.73 5.98
N HIS A 105 -3.44 4.64 6.72
CA HIS A 105 -4.19 4.60 7.96
C HIS A 105 -3.30 4.82 9.18
N LEU A 106 -1.99 4.80 9.01
CA LEU A 106 -1.10 4.88 10.12
C LEU A 106 -0.63 6.29 10.38
N PHE A 107 -0.34 6.58 11.64
CA PHE A 107 0.23 7.89 11.95
C PHE A 107 1.66 8.08 11.42
N ASP A 108 2.53 7.06 11.55
CA ASP A 108 3.91 7.16 11.09
C ASP A 108 4.25 5.96 10.17
N PRO A 109 3.74 5.96 8.94
CA PRO A 109 4.02 4.87 8.02
C PRO A 109 5.53 4.73 7.71
N TRP A 110 6.23 5.84 7.70
CA TRP A 110 7.66 5.85 7.40
C TRP A 110 8.39 5.00 8.45
N ALA A 111 8.04 5.19 9.71
CA ALA A 111 8.68 4.46 10.79
C ALA A 111 8.33 2.97 10.70
N VAL A 112 7.11 2.67 10.29
CA VAL A 112 6.65 1.28 10.26
C VAL A 112 7.39 0.46 9.21
N ILE A 113 7.62 1.06 8.07
CA ILE A 113 8.41 0.33 7.04
C ILE A 113 9.86 0.08 7.47
N GLU A 114 10.46 0.95 8.29
N GLU A 114 10.42 0.97 8.28
N GLU A 114 10.41 0.94 8.32
CA GLU A 114 11.77 0.63 8.86
CA GLU A 114 11.73 0.74 8.90
CA GLU A 114 11.73 0.68 8.89
C GLU A 114 11.64 -0.43 9.95
C GLU A 114 11.62 -0.40 9.93
C GLU A 114 11.64 -0.40 9.95
N LYS A 115 10.56 -0.37 10.74
CA LYS A 115 10.39 -1.31 11.82
C LYS A 115 10.37 -2.76 11.35
N VAL A 116 9.68 -3.03 10.22
CA VAL A 116 9.53 -4.40 9.70
C VAL A 116 10.81 -4.93 9.04
N LYS A 117 11.73 -4.03 8.68
CA LYS A 117 12.84 -4.38 7.79
C LYS A 117 13.71 -5.55 8.31
N PRO A 118 14.06 -5.56 9.61
CA PRO A 118 14.90 -6.67 10.10
C PRO A 118 14.29 -8.08 9.99
N TYR A 119 12.97 -8.13 9.85
CA TYR A 119 12.19 -9.37 9.82
C TYR A 119 12.01 -9.90 8.39
N ILE A 120 12.52 -9.14 7.43
CA ILE A 120 12.48 -9.52 6.02
C ILE A 120 13.78 -10.22 5.60
N LYS A 121 13.62 -11.27 4.83
CA LYS A 121 14.73 -11.98 4.26
C LYS A 121 15.62 -11.13 3.38
N GLN A 122 16.85 -11.57 3.26
CA GLN A 122 17.74 -11.09 2.22
C GLN A 122 17.00 -11.19 0.88
N ASN A 123 16.93 -10.12 0.16
CA ASN A 123 16.17 -10.12 -1.09
C ASN A 123 14.68 -10.36 -0.96
N GLY A 124 14.11 -10.37 0.27
CA GLY A 124 12.69 -10.29 0.42
C GLY A 124 12.15 -8.91 0.10
N VAL A 125 10.84 -8.80 0.15
CA VAL A 125 10.14 -7.61 -0.31
C VAL A 125 9.04 -7.14 0.61
N ILE A 126 8.75 -5.84 0.52
CA ILE A 126 7.49 -5.31 0.92
C ILE A 126 6.61 -5.22 -0.32
N LEU A 127 5.36 -5.64 -0.19
CA LEU A 127 4.35 -5.50 -1.23
C LEU A 127 3.31 -4.56 -0.62
N ALA A 128 3.10 -3.40 -1.23
CA ALA A 128 2.21 -2.39 -0.65
C ALA A 128 1.23 -1.85 -1.69
N SER A 129 -0.01 -1.66 -1.31
N SER A 129 -0.02 -1.71 -1.33
CA SER A 129 -1.01 -1.02 -2.17
CA SER A 129 -0.98 -1.03 -2.16
C SER A 129 -1.37 0.32 -1.51
C SER A 129 -1.10 0.33 -1.48
N ILE A 130 -1.14 1.39 -2.26
CA ILE A 130 -1.19 2.78 -1.72
C ILE A 130 -2.04 3.67 -2.61
N PRO A 131 -3.05 4.33 -2.02
CA PRO A 131 -3.94 5.17 -2.84
C PRO A 131 -3.19 6.43 -3.26
N ASN A 132 -3.57 6.95 -4.41
CA ASN A 132 -2.92 8.11 -4.97
C ASN A 132 -3.72 9.41 -4.78
N VAL A 133 -3.20 10.32 -3.97
CA VAL A 133 -3.86 11.59 -3.73
C VAL A 133 -3.89 12.54 -4.93
N SER A 134 -3.07 12.32 -5.95
CA SER A 134 -3.13 13.16 -7.13
C SER A 134 -4.18 12.64 -8.14
N HIS A 135 -4.88 11.54 -7.82
CA HIS A 135 -5.97 11.06 -8.70
C HIS A 135 -7.01 12.18 -8.98
N ILE A 136 -7.48 12.24 -10.22
CA ILE A 136 -8.35 13.29 -10.70
C ILE A 136 -9.61 13.41 -9.85
N SER A 137 -10.03 12.29 -9.23
CA SER A 137 -11.22 12.28 -8.38
C SER A 137 -11.02 13.00 -7.04
N VAL A 138 -9.78 13.25 -6.64
CA VAL A 138 -9.49 14.08 -5.51
C VAL A 138 -9.18 15.52 -6.01
N LEU A 139 -8.41 15.63 -7.09
N LEU A 139 -8.40 15.63 -7.09
CA LEU A 139 -7.97 16.96 -7.57
CA LEU A 139 -8.03 16.93 -7.64
C LEU A 139 -9.13 17.79 -8.13
C LEU A 139 -9.21 17.77 -8.04
N ALA A 140 -10.06 17.19 -8.88
CA ALA A 140 -11.23 17.95 -9.39
C ALA A 140 -12.11 18.53 -8.26
N PRO A 141 -12.54 17.70 -7.28
CA PRO A 141 -13.27 18.33 -6.16
C PRO A 141 -12.48 19.34 -5.36
N LEU A 142 -11.16 19.17 -5.24
CA LEU A 142 -10.33 20.15 -4.53
C LEU A 142 -10.39 21.51 -5.27
N LEU A 143 -10.26 21.48 -6.60
CA LEU A 143 -10.47 22.70 -7.38
C LEU A 143 -11.88 23.29 -7.17
N ALA A 144 -12.90 22.45 -7.03
CA ALA A 144 -14.26 22.80 -6.71
C ALA A 144 -14.45 23.29 -5.27
N GLY A 145 -13.38 23.29 -4.48
CA GLY A 145 -13.41 23.74 -3.09
C GLY A 145 -13.75 22.71 -2.01
N ASN A 146 -13.59 21.41 -2.32
CA ASN A 146 -13.95 20.34 -1.41
C ASN A 146 -12.79 19.38 -1.11
N TRP A 147 -12.82 18.84 0.10
CA TRP A 147 -11.96 17.75 0.57
C TRP A 147 -12.89 16.94 1.48
N THR A 148 -13.73 16.11 0.87
CA THR A 148 -14.84 15.50 1.55
C THR A 148 -14.46 14.08 1.93
N TYR A 149 -14.44 13.81 3.24
CA TYR A 149 -14.15 12.48 3.72
C TYR A 149 -15.39 11.57 3.48
N THR A 150 -15.13 10.32 3.17
CA THR A 150 -16.15 9.39 2.68
C THR A 150 -16.03 8.07 3.44
N GLU A 151 -16.99 7.19 3.27
CA GLU A 151 -16.96 5.89 3.92
C GLU A 151 -15.91 5.01 3.32
N TYR A 152 -15.66 5.20 2.04
CA TYR A 152 -14.68 4.41 1.34
C TYR A 152 -13.99 5.24 0.25
N GLY A 153 -12.90 4.74 -0.24
CA GLY A 153 -12.22 5.37 -1.34
C GLY A 153 -11.02 6.18 -0.91
N LEU A 154 -10.60 7.08 -1.80
CA LEU A 154 -9.35 7.78 -1.60
C LEU A 154 -9.37 8.69 -0.36
N LEU A 155 -10.51 9.32 -0.09
CA LEU A 155 -10.64 10.19 1.10
C LEU A 155 -11.45 9.50 2.17
N ASP A 156 -11.30 8.17 2.26
CA ASP A 156 -11.84 7.41 3.37
C ASP A 156 -11.56 8.16 4.68
N LYS A 157 -12.58 8.31 5.51
CA LYS A 157 -12.43 9.04 6.77
C LYS A 157 -11.33 8.49 7.70
N THR A 158 -10.96 7.22 7.56
CA THR A 158 -9.88 6.67 8.34
C THR A 158 -8.54 6.87 7.71
N HIS A 159 -8.49 7.52 6.55
CA HIS A 159 -7.21 7.83 5.94
C HIS A 159 -6.65 9.09 6.58
N ILE A 160 -5.46 8.97 7.16
CA ILE A 160 -4.80 10.10 7.79
C ILE A 160 -3.45 10.51 7.20
N ARG A 161 -3.00 9.77 6.17
CA ARG A 161 -1.83 10.11 5.43
C ARG A 161 -2.14 10.04 3.96
N PHE A 162 -1.49 10.88 3.17
CA PHE A 162 -1.71 10.98 1.76
C PHE A 162 -0.35 10.95 1.06
N PHE A 163 -0.37 10.34 -0.12
CA PHE A 163 0.81 10.15 -0.91
C PHE A 163 0.53 10.31 -2.39
N THR A 164 1.52 10.89 -3.09
CA THR A 164 1.61 10.78 -4.53
C THR A 164 2.66 9.70 -4.89
N PHE A 165 2.79 9.35 -6.16
CA PHE A 165 3.85 8.43 -6.57
C PHE A 165 5.24 8.86 -6.12
N ASN A 166 5.58 10.13 -6.35
CA ASN A 166 6.90 10.65 -5.88
C ASN A 166 7.13 10.39 -4.42
N GLU A 167 6.12 10.64 -3.61
CA GLU A 167 6.21 10.46 -2.15
C GLU A 167 6.28 8.99 -1.75
N MSE A 168 5.61 8.11 -2.48
CA MSE A 168 5.78 6.66 -2.29
C MSE A 168 7.21 6.25 -2.54
O MSE A 168 7.86 5.54 -1.73
CB MSE A 168 4.90 5.90 -3.21
CG MSE A 168 3.47 6.17 -2.89
SE MSE A 168 2.32 5.39 -4.26
CE MSE A 168 0.59 6.40 -4.03
N LEU A 169 7.74 6.69 -3.66
CA LEU A 169 9.13 6.38 -4.01
C LEU A 169 10.08 6.88 -2.93
N ARG A 170 9.94 8.14 -2.52
CA ARG A 170 10.78 8.69 -1.47
C ARG A 170 10.73 7.92 -0.18
N MSE A 171 9.53 7.51 0.19
CA MSE A 171 9.32 6.82 1.45
C MSE A 171 10.14 5.53 1.46
O MSE A 171 10.85 5.24 2.39
CB MSE A 171 7.84 6.54 1.69
CG MSE A 171 7.62 5.59 2.88
SE MSE A 171 5.72 5.51 3.45
CE MSE A 171 4.93 4.99 1.69
N PHE A 172 10.03 4.76 0.39
CA PHE A 172 10.73 3.45 0.33
C PHE A 172 12.23 3.64 0.19
N LEU A 173 12.63 4.56 -0.69
CA LEU A 173 14.04 4.77 -0.93
C LEU A 173 14.74 5.27 0.34
N LYS A 174 14.12 6.21 1.06
CA LYS A 174 14.73 6.72 2.27
C LYS A 174 14.82 5.72 3.38
N ALA A 175 13.96 4.68 3.37
CA ALA A 175 14.03 3.59 4.33
C ALA A 175 15.01 2.48 3.94
N GLY A 176 15.72 2.69 2.85
CA GLY A 176 16.68 1.71 2.33
C GLY A 176 16.09 0.53 1.61
N TYR A 177 14.97 0.73 0.91
CA TYR A 177 14.44 -0.28 0.00
C TYR A 177 14.74 0.20 -1.44
N SER A 178 14.89 -0.73 -2.38
CA SER A 178 14.96 -0.38 -3.79
C SER A 178 13.59 -0.73 -4.40
N ILE A 179 13.19 -0.03 -5.44
CA ILE A 179 11.85 -0.30 -6.02
C ILE A 179 12.01 -1.36 -7.07
N SER A 180 11.43 -2.54 -6.90
N SER A 180 11.32 -2.48 -6.83
CA SER A 180 11.59 -3.58 -7.93
CA SER A 180 11.43 -3.74 -7.57
C SER A 180 10.47 -3.55 -8.95
C SER A 180 10.45 -3.80 -8.75
N LYS A 181 9.24 -3.29 -8.50
CA LYS A 181 8.12 -3.31 -9.40
C LYS A 181 7.07 -2.26 -9.03
N VAL A 182 6.43 -1.66 -10.03
CA VAL A 182 5.32 -0.76 -9.80
C VAL A 182 4.19 -1.16 -10.73
N ASP A 183 3.02 -1.37 -10.16
CA ASP A 183 1.79 -1.73 -10.90
C ASP A 183 0.83 -0.57 -10.64
N ARG A 184 0.22 -0.08 -11.71
CA ARG A 184 -0.75 1.00 -11.63
C ARG A 184 -2.15 0.44 -11.78
N VAL A 185 -3.03 0.82 -10.84
CA VAL A 185 -4.44 0.45 -10.85
C VAL A 185 -5.24 1.69 -11.32
N TYR A 186 -5.98 1.51 -12.41
CA TYR A 186 -6.76 2.55 -13.05
C TYR A 186 -8.27 2.34 -12.80
N VAL A 187 -8.98 3.44 -12.78
CA VAL A 187 -10.44 3.43 -12.81
C VAL A 187 -10.93 4.24 -13.99
N ASP A 188 -12.18 4.03 -14.35
CA ASP A 188 -12.82 4.84 -15.38
C ASP A 188 -12.71 6.33 -15.06
N HIS A 189 -12.25 7.08 -16.06
CA HIS A 189 -12.03 8.52 -15.95
C HIS A 189 -12.37 9.22 -17.26
N LYS A 190 -13.15 8.57 -18.13
CA LYS A 190 -13.47 9.12 -19.45
C LYS A 190 -14.06 10.52 -19.33
N MSE A 191 -14.97 10.72 -18.38
CA MSE A 191 -15.58 12.04 -18.20
C MSE A 191 -14.58 13.17 -17.87
O MSE A 191 -14.85 14.33 -18.11
CB MSE A 191 -16.69 12.00 -17.14
CG MSE A 191 -16.28 11.67 -15.69
SE MSE A 191 -17.67 12.20 -14.36
CE MSE A 191 -16.70 12.01 -12.70
N TYR A 192 -13.43 12.80 -17.28
CA TYR A 192 -12.42 13.78 -16.86
C TYR A 192 -11.36 14.12 -17.88
N GLU A 193 -11.34 13.44 -19.03
N GLU A 193 -11.37 13.47 -19.05
CA GLU A 193 -10.20 13.54 -19.95
CA GLU A 193 -10.22 13.53 -19.95
C GLU A 193 -9.91 14.98 -20.39
C GLU A 193 -9.92 14.95 -20.40
N PRO A 194 -10.94 15.71 -20.84
CA PRO A 194 -10.72 17.12 -21.23
C PRO A 194 -10.14 17.98 -20.11
N LEU A 195 -10.74 17.88 -18.92
CA LEU A 195 -10.15 18.52 -17.74
C LEU A 195 -8.68 18.11 -17.57
N ILE A 196 -8.42 16.79 -17.63
CA ILE A 196 -7.03 16.30 -17.48
C ILE A 196 -6.06 16.88 -18.52
N GLU A 197 -6.49 16.92 -19.78
CA GLU A 197 -5.64 17.48 -20.83
C GLU A 197 -5.36 18.99 -20.61
N GLU A 198 -6.37 19.75 -20.17
CA GLU A 198 -6.16 21.18 -19.89
C GLU A 198 -5.23 21.44 -18.71
N LEU A 199 -5.39 20.64 -17.67
CA LEU A 199 -4.52 20.74 -16.52
C LEU A 199 -3.08 20.36 -16.88
N TYR A 200 -2.92 19.36 -17.75
CA TYR A 200 -1.59 18.99 -18.20
C TYR A 200 -0.93 20.19 -18.93
N GLY A 201 -1.71 20.90 -19.73
CA GLY A 201 -1.21 22.11 -20.41
C GLY A 201 -0.62 23.15 -19.45
N ILE A 202 -1.29 23.31 -18.31
CA ILE A 202 -0.86 24.23 -17.27
C ILE A 202 0.42 23.72 -16.61
N CYS A 203 0.53 22.41 -16.33
CA CYS A 203 1.76 21.87 -15.79
C CYS A 203 2.96 22.08 -16.70
N LYS A 204 2.73 21.91 -18.00
CA LYS A 204 3.82 22.03 -18.97
C LYS A 204 4.23 23.50 -18.99
N LYS A 205 3.23 24.36 -19.15
CA LYS A 205 3.44 25.80 -19.17
C LYS A 205 4.18 26.28 -17.94
N TYR A 206 3.80 25.78 -16.76
CA TYR A 206 4.30 26.37 -15.51
C TYR A 206 5.44 25.59 -14.92
N ARG A 207 5.91 24.62 -15.70
CA ARG A 207 6.96 23.69 -15.33
C ARG A 207 6.69 23.00 -14.01
N LEU A 208 5.47 22.49 -13.87
CA LEU A 208 5.08 21.80 -12.64
C LEU A 208 5.32 20.32 -12.79
N GLY A 209 6.44 19.86 -12.25
CA GLY A 209 6.83 18.46 -12.23
C GLY A 209 7.03 17.84 -13.60
N SER A 210 6.67 16.56 -13.68
CA SER A 210 6.56 15.83 -14.93
C SER A 210 5.61 14.67 -14.63
N GLY A 211 4.91 14.18 -15.64
CA GLY A 211 4.10 12.96 -15.45
C GLY A 211 2.71 13.17 -14.86
N PHE A 212 2.22 14.40 -14.89
CA PHE A 212 0.85 14.70 -14.46
C PHE A 212 -0.15 13.76 -15.14
N MSE A 213 -0.08 13.67 -16.46
CA MSE A 213 -1.06 12.90 -17.21
C MSE A 213 -0.98 11.41 -16.89
O MSE A 213 -2.01 10.75 -16.77
CB MSE A 213 -0.91 13.12 -18.74
CG MSE A 213 -1.57 14.38 -19.18
SE MSE A 213 -2.82 14.06 -20.60
CE MSE A 213 -3.78 12.59 -19.72
N ALA A 214 0.25 10.90 -16.75
CA ALA A 214 0.48 9.52 -16.41
C ALA A 214 0.03 9.13 -15.01
N GLU A 215 0.06 10.12 -14.10
N GLU A 215 0.10 10.03 -14.03
CA GLU A 215 -0.21 9.91 -12.70
CA GLU A 215 -0.28 9.68 -12.66
C GLU A 215 -1.64 10.26 -12.22
C GLU A 215 -1.68 10.10 -12.22
N THR A 216 -2.30 11.25 -12.80
N THR A 216 -2.23 11.15 -12.77
CA THR A 216 -3.61 11.65 -12.31
CA THR A 216 -3.54 11.63 -12.35
C THR A 216 -4.72 10.64 -12.67
C THR A 216 -4.62 10.56 -12.57
N VAL A 217 -4.43 9.73 -13.58
CA VAL A 217 -5.31 8.64 -13.89
C VAL A 217 -5.09 7.37 -13.06
N VAL A 218 -4.05 7.33 -12.23
CA VAL A 218 -3.74 6.18 -11.36
C VAL A 218 -4.49 6.32 -10.05
N PHE A 219 -5.35 5.34 -9.77
CA PHE A 219 -6.16 5.36 -8.54
C PHE A 219 -5.35 4.86 -7.37
N GLN A 220 -4.63 3.76 -7.56
CA GLN A 220 -3.70 3.23 -6.58
C GLN A 220 -2.47 2.62 -7.23
N TYR A 221 -1.38 2.58 -6.47
CA TYR A 221 -0.17 1.95 -6.91
C TYR A 221 0.07 0.70 -6.08
N ILE A 222 0.51 -0.36 -6.74
CA ILE A 222 1.05 -1.55 -6.04
C ILE A 222 2.53 -1.54 -6.23
N ILE A 223 3.26 -1.49 -5.13
CA ILE A 223 4.67 -1.35 -5.16
C ILE A 223 5.33 -2.56 -4.51
N GLU A 224 6.32 -3.12 -5.20
N GLU A 224 6.33 -3.12 -5.17
CA GLU A 224 7.24 -4.11 -4.62
CA GLU A 224 7.22 -4.14 -4.60
C GLU A 224 8.55 -3.40 -4.35
C GLU A 224 8.58 -3.51 -4.37
N ALA A 225 8.95 -3.43 -3.09
CA ALA A 225 10.16 -2.79 -2.65
C ALA A 225 11.07 -3.86 -2.02
N GLU A 226 12.27 -3.93 -2.54
CA GLU A 226 13.20 -4.95 -2.14
C GLU A 226 14.13 -4.43 -1.09
N LYS A 227 14.39 -5.29 -0.14
CA LYS A 227 15.25 -4.92 0.96
C LYS A 227 16.65 -4.59 0.50
N SER A 228 17.12 -3.46 0.98
CA SER A 228 18.39 -2.97 0.53
C SER A 228 19.14 -2.16 1.64
N GLN A 229 19.97 -1.23 1.22
CA GLN A 229 20.58 -0.28 2.14
C GLN A 229 20.67 1.11 1.50
N LEU A 230 21.07 2.09 2.31
CA LEU A 230 21.36 3.43 1.80
C LEU A 230 22.85 3.53 1.47
NI NI B . -7.27 7.96 -20.21
NI NI C . -8.65 2.13 3.97
NI NI C . -7.09 2.77 2.85
#